data_6PGE
#
_entry.id   6PGE
#
_cell.length_a   46.722
_cell.length_b   65.180
_cell.length_c   97.071
_cell.angle_alpha   90.00
_cell.angle_beta   90.00
_cell.angle_gamma   90.00
#
_symmetry.space_group_name_H-M   'P 21 21 21'
#
loop_
_entity.id
_entity.type
_entity.pdbx_description
1 polymer 'WD repeat-containing protein 5'
2 non-polymer 'ethyl 3-[4-(hydroxymethyl)-1H-imidazol-2-yl]propanoate'
3 non-polymer 'SULFATE ION'
4 non-polymer 1,2-ETHANEDIOL
5 water water
#
_entity_poly.entity_id   1
_entity_poly.type   'polypeptide(L)'
_entity_poly.pdbx_seq_one_letter_code
;GSKPNYALKFTLAGHTKAVSSVKFSPNGEWLASSSADKLIKIWGAYDGKFEKTISGHKLGISDVAWSSDSNLLVSASDDK
TLKIWDVSSGKCLKTLKGHSNYVFCCNFNPQSNLIVSGSFDESVRIWDVKTGKCLKTLPAHSDPVSAVHFNRDGSLIVSS
SYDGLCRIWDTASGQCLKTLIDDDNPPVSFVKFSPNGKYILAATLDNTLKLWDYSKGKCLKTYTGHKNEKYCIFANFSVT
GGKWIVSGSEDNLVYIWNLQTKEIVQKLQGHTDVVISTACHPTENIIASAALENDKTIKLWKSDC
;
_entity_poly.pdbx_strand_id   A
#
loop_
_chem_comp.id
_chem_comp.type
_chem_comp.name
_chem_comp.formula
EDO non-polymer 1,2-ETHANEDIOL 'C2 H6 O2'
OJM non-polymer 'ethyl 3-[4-(hydroxymethyl)-1H-imidazol-2-yl]propanoate' 'C9 H14 N2 O3'
SO4 non-polymer 'SULFATE ION' 'O4 S -2'
#
# COMPACT_ATOMS: atom_id res chain seq x y z
N GLY A 1 17.14 19.73 -6.92
CA GLY A 1 18.26 19.13 -7.73
C GLY A 1 17.82 17.92 -8.54
N SER A 2 18.72 17.39 -9.38
CA SER A 2 18.49 16.23 -10.28
C SER A 2 18.24 14.97 -9.43
N LYS A 3 18.90 14.88 -8.28
CA LYS A 3 18.81 13.71 -7.36
C LYS A 3 18.18 14.15 -6.04
N PRO A 4 17.50 13.25 -5.32
CA PRO A 4 17.02 13.57 -3.98
C PRO A 4 18.17 13.45 -2.96
N ASN A 5 17.98 14.04 -1.80
CA ASN A 5 18.94 13.94 -0.68
C ASN A 5 18.17 13.68 0.62
N TYR A 6 17.28 12.67 0.61
CA TYR A 6 16.52 12.23 1.80
C TYR A 6 17.50 11.94 2.94
N ALA A 7 17.21 12.52 4.09
CA ALA A 7 18.00 12.35 5.31
C ALA A 7 17.02 12.05 6.45
N LEU A 8 17.42 11.18 7.38
CA LEU A 8 16.58 10.75 8.52
C LEU A 8 16.26 11.95 9.40
N LYS A 9 14.98 12.18 9.67
CA LYS A 9 14.54 13.30 10.56
C LYS A 9 13.99 12.74 11.89
N PHE A 10 13.19 11.67 11.84
CA PHE A 10 12.54 11.07 13.04
C PHE A 10 12.45 9.56 12.91
N THR A 11 12.51 8.88 14.05
CA THR A 11 12.25 7.42 14.22
C THR A 11 11.06 7.30 15.18
N LEU A 12 10.02 6.57 14.77
CA LEU A 12 8.72 6.50 15.47
C LEU A 12 8.60 5.12 16.10
N ALA A 13 8.75 5.00 17.43
CA ALA A 13 8.75 3.70 18.12
C ALA A 13 7.42 3.51 18.85
N GLY A 14 6.94 2.28 18.92
CA GLY A 14 5.77 1.96 19.75
C GLY A 14 5.10 0.67 19.37
N HIS A 15 5.16 0.27 18.10
CA HIS A 15 4.61 -1.04 17.67
C HIS A 15 5.45 -2.11 18.36
N THR A 16 4.84 -3.24 18.70
CA THR A 16 5.50 -4.30 19.49
C THR A 16 5.73 -5.53 18.63
N LYS A 17 5.26 -5.50 17.37
CA LYS A 17 5.55 -6.52 16.35
C LYS A 17 5.83 -5.79 15.04
N ALA A 18 6.11 -6.55 13.98
CA ALA A 18 6.35 -6.03 12.61
C ALA A 18 5.34 -4.91 12.30
N VAL A 19 5.81 -3.82 11.72
CA VAL A 19 4.91 -2.84 11.06
C VAL A 19 4.57 -3.45 9.70
N SER A 20 3.33 -3.32 9.25
CA SER A 20 2.83 -3.93 7.99
C SER A 20 2.61 -2.88 6.90
N SER A 21 2.23 -1.67 7.26
CA SER A 21 1.98 -0.58 6.29
C SER A 21 2.03 0.77 6.98
N VAL A 22 2.36 1.79 6.20
CA VAL A 22 2.31 3.23 6.61
C VAL A 22 1.70 3.97 5.44
N LYS A 23 0.84 4.95 5.73
CA LYS A 23 0.14 5.77 4.73
C LYS A 23 0.00 7.19 5.26
N PHE A 24 0.27 8.17 4.42
CA PHE A 24 0.02 9.60 4.73
C PHE A 24 -1.44 9.94 4.44
N SER A 25 -2.05 10.70 5.34
CA SER A 25 -3.40 11.25 5.12
C SER A 25 -3.34 12.15 3.88
N PRO A 26 -4.36 12.13 3.01
CA PRO A 26 -4.43 13.05 1.87
C PRO A 26 -4.19 14.51 2.25
N ASN A 27 -4.70 14.96 3.40
CA ASN A 27 -4.50 16.37 3.85
C ASN A 27 -3.08 16.65 4.37
N GLY A 28 -2.18 15.63 4.42
CA GLY A 28 -0.76 15.79 4.81
C GLY A 28 -0.50 15.80 6.30
N GLU A 29 -1.56 15.85 7.12
CA GLU A 29 -1.49 16.08 8.58
C GLU A 29 -0.85 14.87 9.28
N TRP A 30 -1.22 13.67 8.86
CA TRP A 30 -0.99 12.42 9.63
C TRP A 30 -0.22 11.37 8.84
N LEU A 31 0.48 10.53 9.57
CA LEU A 31 0.87 9.18 9.13
C LEU A 31 0.06 8.17 9.95
N ALA A 32 -0.53 7.19 9.28
CA ALA A 32 -1.12 5.99 9.91
C ALA A 32 -0.20 4.79 9.67
N SER A 33 0.03 3.99 10.72
CA SER A 33 0.79 2.72 10.67
C SER A 33 -0.14 1.59 11.09
N SER A 34 -0.01 0.42 10.47
CA SER A 34 -0.66 -0.83 10.90
C SER A 34 0.44 -1.81 11.30
N SER A 35 0.10 -2.84 12.06
CA SER A 35 1.12 -3.79 12.58
C SER A 35 0.52 -5.15 12.90
N ALA A 36 1.35 -6.19 12.86
CA ALA A 36 1.07 -7.55 13.37
C ALA A 36 0.63 -7.51 14.84
N ASP A 37 0.93 -6.44 15.58
CA ASP A 37 0.53 -6.25 17.01
C ASP A 37 -0.96 -5.92 17.16
N LYS A 38 -1.75 -5.93 16.06
CA LYS A 38 -3.22 -5.73 16.05
C LYS A 38 -3.59 -4.25 16.18
N LEU A 39 -2.64 -3.32 16.13
CA LEU A 39 -2.88 -1.89 16.43
C LEU A 39 -2.70 -1.04 15.16
N ILE A 40 -3.46 0.05 15.10
CA ILE A 40 -3.20 1.23 14.21
C ILE A 40 -2.65 2.34 15.11
N LYS A 41 -1.59 3.02 14.66
CA LYS A 41 -1.13 4.24 15.37
C LYS A 41 -1.17 5.41 14.40
N ILE A 42 -1.48 6.59 14.95
CA ILE A 42 -1.52 7.86 14.20
C ILE A 42 -0.39 8.73 14.75
N TRP A 43 0.36 9.33 13.84
CA TRP A 43 1.59 10.12 14.10
C TRP A 43 1.51 11.44 13.37
N GLY A 44 2.07 12.52 13.92
CA GLY A 44 2.21 13.76 13.17
C GLY A 44 3.17 13.58 12.00
N ALA A 45 2.77 13.98 10.80
CA ALA A 45 3.49 13.70 9.53
C ALA A 45 4.82 14.45 9.49
N TYR A 46 4.89 15.62 10.13
CA TYR A 46 5.99 16.59 9.98
C TYR A 46 6.97 16.48 11.14
N ASP A 47 6.50 16.10 12.34
CA ASP A 47 7.31 16.06 13.58
C ASP A 47 7.33 14.66 14.22
N GLY A 48 6.67 13.67 13.61
CA GLY A 48 6.64 12.27 14.08
C GLY A 48 5.93 12.11 15.41
N LYS A 49 5.15 13.10 15.84
CA LYS A 49 4.59 13.14 17.22
C LYS A 49 3.48 12.09 17.34
N PHE A 50 3.62 11.13 18.25
CA PHE A 50 2.58 10.09 18.50
C PHE A 50 1.29 10.80 18.86
N GLU A 51 0.19 10.46 18.17
CA GLU A 51 -1.16 11.06 18.42
C GLU A 51 -2.04 10.07 19.18
N LYS A 52 -2.32 8.89 18.63
CA LYS A 52 -3.21 7.91 19.29
C LYS A 52 -2.97 6.50 18.78
N THR A 53 -3.40 5.51 19.55
CA THR A 53 -3.56 4.11 19.13
C THR A 53 -5.03 3.84 18.86
N ILE A 54 -5.31 3.14 17.77
CA ILE A 54 -6.68 2.68 17.41
C ILE A 54 -6.68 1.14 17.51
N SER A 55 -7.57 0.58 18.33
N SER A 55 -7.56 0.57 18.33
CA SER A 55 -7.60 -0.87 18.71
CA SER A 55 -7.56 -0.89 18.68
C SER A 55 -8.98 -1.47 18.40
C SER A 55 -8.96 -1.48 18.50
N GLY A 56 -9.03 -2.80 18.24
CA GLY A 56 -10.30 -3.51 18.02
C GLY A 56 -10.10 -4.84 17.33
N HIS A 57 -9.15 -4.93 16.40
CA HIS A 57 -8.89 -6.18 15.65
C HIS A 57 -8.42 -7.24 16.66
N LYS A 58 -8.85 -8.48 16.45
CA LYS A 58 -8.53 -9.64 17.31
C LYS A 58 -7.19 -10.26 16.88
N LEU A 59 -6.71 -9.92 15.69
CA LEU A 59 -5.46 -10.50 15.14
C LEU A 59 -4.72 -9.43 14.36
N GLY A 60 -3.53 -9.75 13.87
CA GLY A 60 -2.64 -8.81 13.17
C GLY A 60 -3.33 -8.11 12.01
N ILE A 61 -2.84 -6.91 11.69
CA ILE A 61 -3.34 -6.05 10.57
C ILE A 61 -2.26 -6.06 9.48
N SER A 62 -2.66 -6.25 8.24
CA SER A 62 -1.74 -6.31 7.06
C SER A 62 -1.70 -4.97 6.33
N ASP A 63 -2.74 -4.15 6.48
CA ASP A 63 -2.87 -2.92 5.64
C ASP A 63 -3.83 -1.95 6.31
N VAL A 64 -3.65 -0.69 6.03
CA VAL A 64 -4.58 0.40 6.47
C VAL A 64 -4.61 1.43 5.34
N ALA A 65 -5.74 2.07 5.12
CA ALA A 65 -5.88 3.07 4.03
C ALA A 65 -6.82 4.21 4.47
N TRP A 66 -6.58 5.40 3.92
CA TRP A 66 -7.27 6.68 4.26
C TRP A 66 -8.42 6.93 3.27
N SER A 67 -9.55 7.42 3.77
CA SER A 67 -10.57 8.08 2.93
C SER A 67 -9.98 9.36 2.33
N SER A 68 -10.53 9.78 1.20
CA SER A 68 -10.15 10.99 0.42
C SER A 68 -10.16 12.25 1.31
N ASP A 69 -11.07 12.32 2.29
CA ASP A 69 -11.28 13.51 3.16
C ASP A 69 -10.40 13.42 4.42
N SER A 70 -9.56 12.37 4.55
CA SER A 70 -8.62 12.16 5.69
C SER A 70 -9.37 11.90 7.00
N ASN A 71 -10.68 11.60 6.96
CA ASN A 71 -11.50 11.48 8.21
C ASN A 71 -11.62 10.00 8.62
N LEU A 72 -11.57 9.06 7.66
CA LEU A 72 -11.74 7.62 7.95
C LEU A 72 -10.47 6.84 7.60
N LEU A 73 -10.31 5.71 8.28
CA LEU A 73 -9.33 4.64 7.92
C LEU A 73 -10.11 3.35 7.66
N VAL A 74 -9.57 2.53 6.79
CA VAL A 74 -9.99 1.11 6.71
C VAL A 74 -8.78 0.22 6.93
N SER A 75 -8.94 -0.84 7.72
CA SER A 75 -7.87 -1.80 8.05
C SER A 75 -8.27 -3.20 7.57
N ALA A 76 -7.27 -4.00 7.17
CA ALA A 76 -7.42 -5.40 6.71
C ALA A 76 -6.68 -6.27 7.72
N SER A 77 -7.34 -7.30 8.29
CA SER A 77 -6.81 -8.08 9.43
C SER A 77 -6.84 -9.60 9.18
N ASP A 78 -5.94 -10.29 9.87
CA ASP A 78 -5.89 -11.77 9.93
C ASP A 78 -7.16 -12.33 10.62
N ASP A 79 -7.95 -11.49 11.31
CA ASP A 79 -9.23 -11.93 11.92
C ASP A 79 -10.35 -12.05 10.85
N LYS A 80 -9.99 -11.91 9.57
CA LYS A 80 -10.87 -12.14 8.39
C LYS A 80 -11.83 -10.96 8.18
N THR A 81 -11.67 -9.86 8.92
CA THR A 81 -12.54 -8.66 8.77
C THR A 81 -11.71 -7.49 8.27
N LEU A 82 -12.40 -6.48 7.72
CA LEU A 82 -11.92 -5.09 7.67
C LEU A 82 -12.69 -4.31 8.72
N LYS A 83 -12.09 -3.23 9.20
CA LYS A 83 -12.79 -2.30 10.10
C LYS A 83 -12.66 -0.91 9.52
N ILE A 84 -13.76 -0.18 9.54
CA ILE A 84 -13.80 1.27 9.18
C ILE A 84 -13.73 2.05 10.48
N TRP A 85 -12.82 3.00 10.56
CA TRP A 85 -12.54 3.77 11.78
C TRP A 85 -12.79 5.25 11.55
N ASP A 86 -13.40 5.88 12.55
CA ASP A 86 -13.40 7.36 12.66
C ASP A 86 -12.08 7.77 13.33
N VAL A 87 -11.23 8.48 12.60
CA VAL A 87 -9.85 8.81 13.07
C VAL A 87 -9.94 9.75 14.28
N SER A 88 -10.82 10.74 14.23
CA SER A 88 -11.02 11.73 15.31
C SER A 88 -11.38 11.03 16.63
N SER A 89 -12.37 10.14 16.62
CA SER A 89 -12.89 9.45 17.84
C SER A 89 -12.13 8.14 18.13
N GLY A 90 -11.44 7.59 17.13
CA GLY A 90 -10.75 6.28 17.23
C GLY A 90 -11.73 5.12 17.23
N LYS A 91 -13.02 5.38 17.02
CA LYS A 91 -14.06 4.34 17.18
C LYS A 91 -14.16 3.53 15.90
N CYS A 92 -14.42 2.24 16.02
CA CYS A 92 -14.83 1.37 14.91
C CYS A 92 -16.26 1.69 14.48
N LEU A 93 -16.46 2.15 13.25
CA LEU A 93 -17.82 2.49 12.72
C LEU A 93 -18.49 1.24 12.15
N LYS A 94 -17.75 0.41 11.44
CA LYS A 94 -18.29 -0.79 10.76
C LYS A 94 -17.24 -1.89 10.83
N THR A 95 -17.68 -3.13 10.97
CA THR A 95 -16.84 -4.33 10.74
C THR A 95 -17.33 -4.99 9.45
N LEU A 96 -16.46 -5.11 8.46
CA LEU A 96 -16.80 -5.70 7.14
C LEU A 96 -16.48 -7.18 7.17
N LYS A 97 -17.52 -8.01 7.22
CA LYS A 97 -17.45 -9.49 7.38
C LYS A 97 -17.85 -10.18 6.07
N GLY A 98 -17.11 -11.21 5.67
CA GLY A 98 -17.41 -12.03 4.47
C GLY A 98 -16.23 -12.82 3.96
N HIS A 99 -15.00 -12.29 4.05
CA HIS A 99 -13.78 -13.05 3.67
C HIS A 99 -13.71 -14.29 4.57
N SER A 100 -13.19 -15.37 4.04
CA SER A 100 -13.08 -16.69 4.72
C SER A 100 -11.62 -16.96 5.14
N ASN A 101 -10.72 -15.99 4.94
CA ASN A 101 -9.30 -16.11 5.35
C ASN A 101 -8.76 -14.70 5.58
N TYR A 102 -7.49 -14.61 5.88
CA TYR A 102 -6.82 -13.32 6.21
C TYR A 102 -7.17 -12.28 5.13
N VAL A 103 -7.48 -11.07 5.56
CA VAL A 103 -7.63 -9.90 4.64
C VAL A 103 -6.25 -9.22 4.61
N PHE A 104 -5.68 -9.07 3.42
CA PHE A 104 -4.27 -8.68 3.23
C PHE A 104 -4.14 -7.21 2.82
N CYS A 105 -5.07 -6.71 2.00
CA CYS A 105 -4.91 -5.39 1.33
C CYS A 105 -6.26 -4.69 1.19
N CYS A 106 -6.25 -3.36 1.15
CA CYS A 106 -7.49 -2.55 1.14
C CYS A 106 -7.20 -1.13 0.66
N ASN A 107 -8.22 -0.50 0.10
CA ASN A 107 -8.19 0.90 -0.37
C ASN A 107 -9.62 1.42 -0.49
N PHE A 108 -9.79 2.71 -0.25
CA PHE A 108 -11.01 3.47 -0.60
C PHE A 108 -10.94 3.80 -2.09
N ASN A 109 -12.09 4.00 -2.75
CA ASN A 109 -12.13 4.66 -4.07
C ASN A 109 -12.02 6.17 -3.86
N PRO A 110 -11.69 6.97 -4.89
CA PRO A 110 -11.60 8.42 -4.72
C PRO A 110 -12.86 9.05 -4.09
N GLN A 111 -14.03 8.50 -4.44
CA GLN A 111 -15.35 8.95 -3.94
C GLN A 111 -15.47 8.65 -2.45
N SER A 112 -14.75 7.61 -2.00
N SER A 112 -14.72 7.65 -1.96
CA SER A 112 -14.69 7.01 -0.65
CA SER A 112 -14.72 7.06 -0.59
C SER A 112 -16.09 6.51 -0.23
C SER A 112 -16.13 6.55 -0.21
N ASN A 113 -16.93 6.14 -1.20
CA ASN A 113 -18.24 5.47 -0.97
C ASN A 113 -17.99 3.95 -0.98
N LEU A 114 -16.90 3.49 -1.60
CA LEU A 114 -16.58 2.03 -1.70
C LEU A 114 -15.24 1.72 -1.02
N ILE A 115 -15.09 0.48 -0.57
CA ILE A 115 -13.78 -0.10 -0.17
C ILE A 115 -13.53 -1.32 -1.04
N VAL A 116 -12.30 -1.50 -1.51
CA VAL A 116 -11.87 -2.75 -2.17
C VAL A 116 -10.94 -3.50 -1.22
N SER A 117 -11.08 -4.81 -1.16
CA SER A 117 -10.27 -5.69 -0.27
C SER A 117 -9.78 -6.90 -1.05
N GLY A 118 -8.60 -7.39 -0.68
CA GLY A 118 -8.03 -8.63 -1.21
C GLY A 118 -7.67 -9.53 -0.06
N SER A 119 -7.85 -10.82 -0.23
CA SER A 119 -7.72 -11.81 0.87
C SER A 119 -6.92 -13.05 0.43
N PHE A 120 -6.44 -13.76 1.42
CA PHE A 120 -5.83 -15.11 1.27
C PHE A 120 -6.86 -16.08 0.70
N ASP A 121 -8.17 -15.78 0.80
CA ASP A 121 -9.30 -16.58 0.25
C ASP A 121 -9.39 -16.45 -1.29
N GLU A 122 -8.52 -15.62 -1.91
CA GLU A 122 -8.30 -15.58 -3.39
C GLU A 122 -9.40 -14.73 -4.03
N SER A 123 -10.20 -14.02 -3.22
CA SER A 123 -11.27 -13.11 -3.70
C SER A 123 -10.88 -11.66 -3.46
N VAL A 124 -11.46 -10.82 -4.29
CA VAL A 124 -11.54 -9.35 -4.13
C VAL A 124 -13.00 -9.02 -3.78
N ARG A 125 -13.22 -8.17 -2.78
CA ARG A 125 -14.57 -7.77 -2.34
C ARG A 125 -14.68 -6.26 -2.45
N ILE A 126 -15.86 -5.82 -2.85
CA ILE A 126 -16.24 -4.39 -2.97
C ILE A 126 -17.32 -4.16 -1.91
N TRP A 127 -17.08 -3.22 -1.02
CA TRP A 127 -17.95 -2.95 0.16
C TRP A 127 -18.55 -1.55 0.07
N ASP A 128 -19.77 -1.40 0.57
CA ASP A 128 -20.39 -0.07 0.75
C ASP A 128 -19.90 0.49 2.08
N VAL A 129 -19.30 1.68 2.06
CA VAL A 129 -18.76 2.35 3.27
C VAL A 129 -19.92 2.71 4.22
N LYS A 130 -21.03 3.24 3.70
CA LYS A 130 -22.16 3.75 4.54
C LYS A 130 -22.78 2.59 5.34
N THR A 131 -23.04 1.46 4.70
CA THR A 131 -23.78 0.31 5.30
C THR A 131 -22.79 -0.74 5.85
N GLY A 132 -21.57 -0.81 5.31
CA GLY A 132 -20.63 -1.88 5.63
C GLY A 132 -21.01 -3.19 4.94
N LYS A 133 -21.94 -3.15 4.00
CA LYS A 133 -22.42 -4.35 3.26
C LYS A 133 -21.42 -4.69 2.14
N CYS A 134 -21.17 -5.98 1.96
CA CYS A 134 -20.44 -6.50 0.76
C CYS A 134 -21.37 -6.36 -0.45
N LEU A 135 -20.99 -5.56 -1.45
CA LEU A 135 -21.76 -5.37 -2.70
C LEU A 135 -21.42 -6.45 -3.74
N LYS A 136 -20.14 -6.81 -3.85
CA LYS A 136 -19.65 -7.77 -4.89
C LYS A 136 -18.52 -8.60 -4.33
N THR A 137 -18.52 -9.89 -4.67
CA THR A 137 -17.38 -10.80 -4.44
C THR A 137 -16.87 -11.22 -5.81
N LEU A 138 -15.62 -10.88 -6.13
CA LEU A 138 -14.95 -11.25 -7.39
C LEU A 138 -14.07 -12.47 -7.13
N PRO A 139 -14.25 -13.56 -7.92
CA PRO A 139 -13.38 -14.73 -7.86
C PRO A 139 -12.11 -14.41 -8.67
N ALA A 140 -11.32 -13.49 -8.15
CA ALA A 140 -10.33 -12.74 -8.93
C ALA A 140 -9.12 -13.59 -9.28
N HIS A 141 -8.73 -14.52 -8.41
CA HIS A 141 -7.38 -15.14 -8.40
C HIS A 141 -7.46 -16.58 -7.90
N SER A 142 -6.40 -17.34 -8.14
CA SER A 142 -6.28 -18.75 -7.72
C SER A 142 -5.17 -18.90 -6.67
N ASP A 143 -4.83 -17.80 -5.98
CA ASP A 143 -3.86 -17.77 -4.84
C ASP A 143 -4.09 -16.47 -4.09
N PRO A 144 -3.50 -16.27 -2.89
CA PRO A 144 -3.72 -15.04 -2.12
C PRO A 144 -3.58 -13.75 -2.95
N VAL A 145 -4.46 -12.79 -2.66
CA VAL A 145 -4.47 -11.47 -3.35
C VAL A 145 -3.53 -10.54 -2.58
N SER A 146 -2.49 -10.03 -3.25
CA SER A 146 -1.36 -9.27 -2.63
C SER A 146 -1.66 -7.77 -2.58
N ALA A 147 -2.43 -7.24 -3.53
CA ALA A 147 -2.71 -5.77 -3.58
C ALA A 147 -4.01 -5.51 -4.35
N VAL A 148 -4.70 -4.41 -3.98
CA VAL A 148 -5.92 -3.90 -4.68
C VAL A 148 -5.85 -2.39 -4.64
N HIS A 149 -6.26 -1.73 -5.74
CA HIS A 149 -6.17 -0.26 -5.86
C HIS A 149 -7.18 0.21 -6.91
N PHE A 150 -7.84 1.34 -6.64
CA PHE A 150 -8.73 2.02 -7.61
C PHE A 150 -7.90 3.01 -8.41
N ASN A 151 -8.36 3.29 -9.62
CA ASN A 151 -7.74 4.30 -10.50
C ASN A 151 -8.35 5.66 -10.12
N ARG A 152 -7.96 6.69 -10.84
CA ARG A 152 -8.24 8.10 -10.45
C ARG A 152 -9.74 8.42 -10.45
N ASP A 153 -10.55 7.84 -11.36
CA ASP A 153 -11.98 8.17 -11.45
C ASP A 153 -12.83 7.10 -10.74
N GLY A 154 -12.18 6.07 -10.19
CA GLY A 154 -12.85 5.00 -9.43
C GLY A 154 -13.49 3.93 -10.31
N SER A 155 -13.43 4.07 -11.64
CA SER A 155 -14.11 3.15 -12.61
C SER A 155 -13.39 1.80 -12.68
N LEU A 156 -12.10 1.74 -12.32
CA LEU A 156 -11.27 0.50 -12.41
C LEU A 156 -10.67 0.14 -11.05
N ILE A 157 -10.48 -1.15 -10.88
CA ILE A 157 -9.71 -1.78 -9.75
C ILE A 157 -8.58 -2.58 -10.39
N VAL A 158 -7.36 -2.45 -9.86
CA VAL A 158 -6.24 -3.35 -10.24
C VAL A 158 -5.97 -4.27 -9.05
N SER A 159 -5.80 -5.56 -9.32
CA SER A 159 -5.47 -6.60 -8.30
C SER A 159 -4.25 -7.39 -8.76
N SER A 160 -3.55 -7.97 -7.79
CA SER A 160 -2.37 -8.81 -8.06
C SER A 160 -2.43 -9.99 -7.11
N SER A 161 -1.72 -11.03 -7.45
CA SER A 161 -1.79 -12.31 -6.70
C SER A 161 -0.50 -13.08 -6.86
N TYR A 162 -0.29 -13.97 -5.89
CA TYR A 162 0.73 -15.04 -5.91
C TYR A 162 0.48 -15.98 -7.10
N ASP A 163 -0.71 -15.96 -7.72
CA ASP A 163 -1.04 -16.84 -8.87
C ASP A 163 -0.24 -16.37 -10.09
N GLY A 164 0.37 -15.19 -10.01
CA GLY A 164 1.25 -14.65 -11.05
C GLY A 164 0.53 -13.68 -11.97
N LEU A 165 -0.73 -13.36 -11.69
CA LEU A 165 -1.57 -12.48 -12.55
C LEU A 165 -1.67 -11.07 -11.95
N CYS A 166 -1.75 -10.07 -12.82
CA CYS A 166 -2.30 -8.73 -12.55
C CYS A 166 -3.58 -8.60 -13.37
N ARG A 167 -4.72 -8.33 -12.74
CA ARG A 167 -6.01 -8.19 -13.46
C ARG A 167 -6.60 -6.80 -13.22
N ILE A 168 -7.30 -6.28 -14.22
CA ILE A 168 -8.04 -5.00 -14.10
C ILE A 168 -9.53 -5.28 -14.20
N TRP A 169 -10.28 -4.74 -13.25
CA TRP A 169 -11.72 -5.02 -13.07
C TRP A 169 -12.51 -3.73 -13.29
N ASP A 170 -13.66 -3.87 -13.92
CA ASP A 170 -14.69 -2.82 -14.02
C ASP A 170 -15.39 -2.75 -12.65
N THR A 171 -15.24 -1.65 -11.93
CA THR A 171 -15.87 -1.46 -10.59
C THR A 171 -17.39 -1.67 -10.62
N ALA A 172 -18.10 -1.05 -11.57
CA ALA A 172 -19.59 -1.06 -11.63
C ALA A 172 -20.13 -2.49 -11.73
N SER A 173 -19.53 -3.31 -12.59
CA SER A 173 -20.04 -4.66 -12.95
C SER A 173 -19.27 -5.78 -12.24
N GLY A 174 -18.04 -5.51 -11.79
CA GLY A 174 -17.15 -6.54 -11.21
C GLY A 174 -16.54 -7.43 -12.27
N GLN A 175 -16.71 -7.11 -13.56
CA GLN A 175 -16.29 -8.02 -14.66
C GLN A 175 -14.84 -7.67 -15.03
N CYS A 176 -14.06 -8.67 -15.44
CA CYS A 176 -12.63 -8.49 -15.75
C CYS A 176 -12.50 -7.80 -17.12
N LEU A 177 -11.75 -6.69 -17.15
CA LEU A 177 -11.49 -5.89 -18.39
C LEU A 177 -10.24 -6.44 -19.06
N LYS A 178 -9.23 -6.84 -18.28
CA LYS A 178 -8.01 -7.46 -18.86
C LYS A 178 -7.14 -8.11 -17.78
N THR A 179 -6.37 -9.09 -18.21
CA THR A 179 -5.28 -9.75 -17.48
C THR A 179 -3.98 -9.16 -18.05
N LEU A 180 -3.36 -8.24 -17.31
CA LEU A 180 -2.24 -7.39 -17.80
C LEU A 180 -0.94 -8.20 -17.74
N ILE A 181 -0.80 -9.01 -16.69
CA ILE A 181 0.34 -9.97 -16.52
C ILE A 181 -0.28 -11.37 -16.43
N ASP A 182 0.15 -12.30 -17.29
CA ASP A 182 -0.44 -13.67 -17.39
C ASP A 182 0.68 -14.73 -17.37
N ASP A 183 1.58 -14.65 -16.38
CA ASP A 183 2.65 -15.67 -16.17
C ASP A 183 2.25 -16.57 -15.00
N ASP A 184 2.59 -17.87 -15.10
CA ASP A 184 2.38 -18.90 -14.05
C ASP A 184 3.13 -18.43 -12.80
N ASN A 185 4.29 -17.84 -13.04
CA ASN A 185 5.19 -17.26 -12.02
C ASN A 185 5.90 -16.11 -12.73
N PRO A 186 6.58 -15.20 -12.00
CA PRO A 186 6.61 -15.21 -10.55
C PRO A 186 5.37 -14.57 -9.93
N PRO A 187 5.15 -14.76 -8.62
CA PRO A 187 4.13 -14.04 -7.88
C PRO A 187 4.22 -12.52 -8.10
N VAL A 188 3.06 -11.88 -8.31
CA VAL A 188 2.92 -10.39 -8.35
C VAL A 188 2.57 -9.96 -6.93
N SER A 189 3.51 -9.30 -6.25
CA SER A 189 3.51 -9.02 -4.79
C SER A 189 2.90 -7.65 -4.52
N PHE A 190 2.79 -6.81 -5.55
CA PHE A 190 2.23 -5.45 -5.42
C PHE A 190 1.82 -4.90 -6.78
N VAL A 191 0.73 -4.14 -6.78
CA VAL A 191 0.32 -3.31 -7.95
C VAL A 191 -0.36 -2.05 -7.47
N LYS A 192 -0.21 -0.98 -8.24
CA LYS A 192 -1.03 0.23 -8.06
C LYS A 192 -1.05 1.00 -9.38
N PHE A 193 -2.11 1.76 -9.57
CA PHE A 193 -2.24 2.76 -10.66
C PHE A 193 -1.30 3.93 -10.38
N SER A 194 -0.76 4.50 -11.45
CA SER A 194 -0.07 5.82 -11.46
C SER A 194 -1.10 6.91 -11.14
N PRO A 195 -0.65 8.05 -10.58
CA PRO A 195 -1.55 9.15 -10.22
C PRO A 195 -2.58 9.49 -11.30
N ASN A 196 -2.16 9.42 -12.57
CA ASN A 196 -3.00 9.82 -13.73
C ASN A 196 -3.84 8.63 -14.23
N GLY A 197 -3.57 7.42 -13.74
CA GLY A 197 -4.40 6.24 -14.02
C GLY A 197 -4.06 5.57 -15.34
N LYS A 198 -3.02 6.01 -16.05
CA LYS A 198 -2.66 5.44 -17.38
C LYS A 198 -1.68 4.28 -17.22
N TYR A 199 -0.93 4.25 -16.12
CA TYR A 199 0.15 3.27 -15.87
C TYR A 199 -0.19 2.41 -14.64
N ILE A 200 0.39 1.22 -14.61
CA ILE A 200 0.32 0.32 -13.42
C ILE A 200 1.77 -0.02 -13.03
N LEU A 201 2.10 0.24 -11.76
CA LEU A 201 3.39 -0.17 -11.17
C LEU A 201 3.16 -1.55 -10.52
N ALA A 202 3.96 -2.53 -10.90
CA ALA A 202 3.84 -3.92 -10.43
C ALA A 202 5.18 -4.49 -9.97
N ALA A 203 5.17 -5.08 -8.79
CA ALA A 203 6.31 -5.78 -8.19
C ALA A 203 6.10 -7.27 -8.39
N THR A 204 7.16 -7.99 -8.75
CA THR A 204 7.17 -9.47 -8.82
C THR A 204 8.30 -9.97 -7.92
N LEU A 205 8.14 -11.16 -7.36
CA LEU A 205 9.10 -11.72 -6.36
C LEU A 205 10.31 -12.33 -7.07
N ASP A 206 10.87 -11.59 -8.02
CA ASP A 206 12.16 -11.86 -8.72
C ASP A 206 12.94 -10.56 -8.71
N ASN A 207 12.80 -9.77 -7.64
CA ASN A 207 13.61 -8.54 -7.41
C ASN A 207 13.36 -7.52 -8.53
N THR A 208 12.11 -7.37 -9.01
CA THR A 208 11.80 -6.53 -10.19
C THR A 208 10.54 -5.69 -9.95
N LEU A 209 10.64 -4.38 -10.24
CA LEU A 209 9.49 -3.46 -10.39
C LEU A 209 9.32 -3.14 -11.88
N LYS A 210 8.08 -3.05 -12.35
CA LYS A 210 7.79 -2.75 -13.78
C LYS A 210 6.67 -1.72 -13.85
N LEU A 211 6.83 -0.74 -14.72
CA LEU A 211 5.78 0.22 -15.08
C LEU A 211 5.16 -0.23 -16.42
N TRP A 212 3.86 -0.53 -16.39
CA TRP A 212 3.05 -1.00 -17.53
C TRP A 212 2.13 0.12 -18.03
N ASP A 213 1.98 0.24 -19.35
CA ASP A 213 0.93 1.06 -19.98
C ASP A 213 -0.36 0.23 -19.93
N TYR A 214 -1.39 0.72 -19.24
CA TYR A 214 -2.63 -0.05 -19.03
C TYR A 214 -3.34 -0.27 -20.37
N SER A 215 -3.57 0.79 -21.15
CA SER A 215 -4.30 0.76 -22.44
C SER A 215 -3.59 -0.17 -23.44
N LYS A 216 -2.27 -0.01 -23.60
CA LYS A 216 -1.46 -0.76 -24.59
C LYS A 216 -1.14 -2.16 -24.05
N GLY A 217 -1.18 -2.32 -22.72
CA GLY A 217 -0.86 -3.60 -22.04
C GLY A 217 0.57 -4.04 -22.27
N LYS A 218 1.53 -3.10 -22.26
CA LYS A 218 2.97 -3.45 -22.41
C LYS A 218 3.84 -2.66 -21.43
N CYS A 219 5.00 -3.23 -21.16
CA CYS A 219 5.96 -2.78 -20.14
C CYS A 219 6.80 -1.63 -20.68
N LEU A 220 6.73 -0.47 -20.03
CA LEU A 220 7.42 0.79 -20.42
C LEU A 220 8.77 0.92 -19.69
N LYS A 221 8.87 0.40 -18.47
CA LYS A 221 10.07 0.58 -17.60
C LYS A 221 10.22 -0.61 -16.65
N THR A 222 11.48 -0.92 -16.34
CA THR A 222 11.89 -1.93 -15.34
C THR A 222 12.83 -1.25 -14.35
N TYR A 223 12.64 -1.50 -13.05
CA TYR A 223 13.49 -1.00 -11.94
C TYR A 223 14.00 -2.22 -11.19
N THR A 224 15.34 -2.33 -11.09
CA THR A 224 16.03 -3.44 -10.40
C THR A 224 17.20 -2.90 -9.59
N GLY A 225 17.82 -3.77 -8.80
CA GLY A 225 18.95 -3.46 -7.92
C GLY A 225 18.63 -3.67 -6.47
N HIS A 226 17.33 -3.76 -6.13
CA HIS A 226 16.82 -4.06 -4.77
C HIS A 226 16.61 -5.57 -4.62
N LYS A 227 16.27 -6.01 -3.41
N LYS A 227 16.27 -6.01 -3.41
CA LYS A 227 15.98 -7.44 -3.08
CA LYS A 227 15.97 -7.43 -3.06
C LYS A 227 14.48 -7.58 -2.74
C LYS A 227 14.48 -7.57 -2.73
N ASN A 228 13.76 -8.41 -3.48
CA ASN A 228 12.32 -8.66 -3.27
C ASN A 228 11.99 -10.05 -3.82
N GLU A 229 12.12 -11.07 -2.97
CA GLU A 229 11.81 -12.48 -3.32
C GLU A 229 10.74 -13.08 -2.41
N LYS A 230 10.32 -12.39 -1.35
CA LYS A 230 9.44 -13.02 -0.33
C LYS A 230 8.25 -12.17 0.11
N TYR A 231 8.45 -10.87 0.32
CA TYR A 231 7.43 -10.03 1.00
C TYR A 231 6.68 -9.18 -0.04
N CYS A 232 5.43 -8.87 0.27
CA CYS A 232 4.58 -7.94 -0.53
C CYS A 232 4.95 -6.50 -0.11
N ILE A 233 6.02 -5.99 -0.69
CA ILE A 233 6.60 -4.65 -0.38
C ILE A 233 5.89 -3.62 -1.25
N PHE A 234 5.35 -2.58 -0.64
CA PHE A 234 4.67 -1.46 -1.38
C PHE A 234 5.69 -0.76 -2.27
N ALA A 235 5.21 -0.05 -3.28
CA ALA A 235 6.02 0.86 -4.11
C ALA A 235 5.20 2.12 -4.37
N ASN A 236 5.88 3.25 -4.56
CA ASN A 236 5.21 4.57 -4.65
C ASN A 236 5.72 5.30 -5.89
N PHE A 237 4.85 6.15 -6.43
CA PHE A 237 5.21 7.28 -7.31
C PHE A 237 5.49 8.49 -6.40
N SER A 238 6.73 8.99 -6.36
CA SER A 238 7.04 10.26 -5.64
C SER A 238 6.90 11.39 -6.65
N VAL A 239 6.06 12.39 -6.35
CA VAL A 239 5.64 13.40 -7.36
C VAL A 239 5.82 14.84 -6.85
N THR A 240 6.18 15.06 -5.59
CA THR A 240 6.21 16.41 -4.96
C THR A 240 7.44 17.21 -5.44
N GLY A 241 8.52 16.51 -5.75
CA GLY A 241 9.77 17.10 -6.25
C GLY A 241 10.15 16.43 -7.55
N GLY A 242 11.31 15.78 -7.61
CA GLY A 242 11.70 14.95 -8.75
C GLY A 242 10.79 13.73 -8.88
N LYS A 243 10.62 13.22 -10.09
CA LYS A 243 9.65 12.13 -10.38
C LYS A 243 10.39 10.81 -10.16
N TRP A 244 10.21 10.24 -8.96
CA TRP A 244 10.87 8.99 -8.52
C TRP A 244 9.88 7.82 -8.44
N ILE A 245 10.46 6.62 -8.44
CA ILE A 245 9.87 5.37 -7.87
C ILE A 245 10.58 5.07 -6.54
N VAL A 246 9.79 4.75 -5.51
CA VAL A 246 10.25 4.41 -4.14
C VAL A 246 9.77 2.99 -3.80
N SER A 247 10.65 2.20 -3.21
CA SER A 247 10.29 0.85 -2.71
C SER A 247 11.18 0.50 -1.54
N GLY A 248 10.62 -0.22 -0.58
CA GLY A 248 11.43 -0.94 0.41
C GLY A 248 12.14 -2.11 -0.24
N SER A 249 12.88 -2.87 0.56
CA SER A 249 13.79 -3.92 0.05
C SER A 249 14.12 -4.88 1.17
N GLU A 250 14.37 -6.15 0.83
CA GLU A 250 14.72 -7.19 1.81
C GLU A 250 16.19 -7.06 2.28
N ASP A 251 16.96 -6.10 1.78
CA ASP A 251 18.31 -5.78 2.33
C ASP A 251 18.22 -4.59 3.30
N ASN A 252 17.02 -4.28 3.79
CA ASN A 252 16.78 -3.32 4.91
C ASN A 252 16.97 -1.86 4.45
N LEU A 253 16.98 -1.61 3.15
CA LEU A 253 17.16 -0.26 2.58
C LEU A 253 15.86 0.21 1.93
N VAL A 254 15.72 1.52 1.80
CA VAL A 254 14.74 2.12 0.87
C VAL A 254 15.49 2.44 -0.42
N TYR A 255 14.96 2.01 -1.56
CA TYR A 255 15.49 2.33 -2.92
C TYR A 255 14.65 3.44 -3.55
N ILE A 256 15.32 4.39 -4.19
CA ILE A 256 14.69 5.48 -4.99
C ILE A 256 15.32 5.49 -6.39
N TRP A 257 14.48 5.35 -7.42
CA TRP A 257 14.90 5.35 -8.83
C TRP A 257 14.38 6.63 -9.48
N ASN A 258 15.10 7.14 -10.47
CA ASN A 258 14.55 8.09 -11.47
C ASN A 258 13.54 7.30 -12.31
N LEU A 259 12.30 7.79 -12.40
CA LEU A 259 11.18 7.08 -13.09
C LEU A 259 11.52 6.89 -14.57
N GLN A 260 12.04 7.92 -15.23
CA GLN A 260 12.29 7.95 -16.70
C GLN A 260 13.54 7.16 -17.05
N THR A 261 14.63 7.36 -16.31
CA THR A 261 15.98 6.81 -16.64
C THR A 261 16.15 5.40 -16.05
N LYS A 262 15.44 5.08 -14.97
CA LYS A 262 15.51 3.78 -14.25
C LYS A 262 16.80 3.68 -13.42
N GLU A 263 17.59 4.76 -13.30
CA GLU A 263 18.82 4.71 -12.47
C GLU A 263 18.41 4.83 -10.99
N ILE A 264 19.06 4.08 -10.12
CA ILE A 264 18.94 4.27 -8.66
C ILE A 264 19.55 5.64 -8.35
N VAL A 265 18.82 6.50 -7.66
CA VAL A 265 19.32 7.86 -7.33
C VAL A 265 19.56 7.98 -5.83
N GLN A 266 19.03 7.07 -5.01
CA GLN A 266 19.37 7.07 -3.57
C GLN A 266 19.00 5.73 -2.95
N LYS A 267 19.75 5.32 -1.94
CA LYS A 267 19.45 4.21 -1.02
C LYS A 267 19.47 4.77 0.41
N LEU A 268 18.38 4.61 1.15
CA LEU A 268 18.26 5.12 2.53
C LEU A 268 18.57 3.98 3.50
N GLN A 269 19.60 4.20 4.33
CA GLN A 269 20.11 3.20 5.31
C GLN A 269 19.72 3.63 6.73
N GLY A 270 19.31 2.68 7.55
CA GLY A 270 18.96 2.96 8.95
C GLY A 270 18.18 1.81 9.55
N HIS A 271 17.28 1.20 8.78
CA HIS A 271 16.42 0.09 9.25
C HIS A 271 17.30 -1.14 9.49
N THR A 272 16.90 -1.99 10.42
CA THR A 272 17.61 -3.22 10.84
C THR A 272 16.76 -4.44 10.50
N ASP A 273 15.76 -4.27 9.64
CA ASP A 273 15.01 -5.41 9.08
C ASP A 273 14.42 -5.01 7.72
N VAL A 274 13.80 -5.97 7.06
CA VAL A 274 13.10 -5.79 5.76
C VAL A 274 12.24 -4.52 5.83
N VAL A 275 12.40 -3.59 4.89
CA VAL A 275 11.50 -2.41 4.74
C VAL A 275 10.28 -2.86 3.92
N ILE A 276 9.14 -3.06 4.59
CA ILE A 276 7.94 -3.70 4.00
C ILE A 276 7.07 -2.63 3.33
N SER A 277 7.20 -1.39 3.74
CA SER A 277 6.25 -0.33 3.37
C SER A 277 6.93 1.02 3.36
N THR A 278 6.64 1.78 2.32
CA THR A 278 7.05 3.18 2.14
C THR A 278 5.83 3.96 1.71
N ALA A 279 5.78 5.23 2.07
CA ALA A 279 4.74 6.18 1.65
C ALA A 279 5.40 7.50 1.33
N CYS A 280 4.83 8.22 0.38
CA CYS A 280 5.31 9.54 -0.07
C CYS A 280 4.30 10.61 0.34
N HIS A 281 4.76 11.65 1.04
CA HIS A 281 3.89 12.72 1.56
C HIS A 281 3.20 13.40 0.38
N PRO A 282 1.90 13.78 0.49
CA PRO A 282 1.18 14.35 -0.65
C PRO A 282 1.66 15.73 -1.13
N THR A 283 2.38 16.52 -0.32
CA THR A 283 2.80 17.91 -0.69
C THR A 283 4.28 18.18 -0.43
N GLU A 284 4.87 17.58 0.61
CA GLU A 284 6.28 17.75 1.02
C GLU A 284 7.13 16.56 0.56
N ASN A 285 8.41 16.80 0.31
CA ASN A 285 9.39 15.76 -0.07
C ASN A 285 9.73 14.95 1.18
N ILE A 286 8.80 14.14 1.65
CA ILE A 286 8.96 13.34 2.90
C ILE A 286 8.61 11.89 2.55
N ILE A 287 9.48 10.96 2.95
CA ILE A 287 9.22 9.49 2.86
C ILE A 287 9.02 8.94 4.27
N ALA A 288 7.99 8.11 4.46
CA ALA A 288 7.85 7.22 5.64
C ALA A 288 8.22 5.81 5.23
N SER A 289 8.99 5.14 6.06
CA SER A 289 9.43 3.75 5.82
C SER A 289 9.16 2.95 7.09
N ALA A 290 8.83 1.65 6.95
CA ALA A 290 8.48 0.79 8.08
C ALA A 290 9.11 -0.59 7.88
N ALA A 291 9.52 -1.23 8.98
CA ALA A 291 10.39 -2.43 8.97
C ALA A 291 9.74 -3.56 9.77
N LEU A 292 10.17 -4.80 9.52
CA LEU A 292 9.62 -6.01 10.15
C LEU A 292 10.16 -6.13 11.59
N GLU A 293 9.97 -7.28 12.21
CA GLU A 293 9.91 -7.40 13.69
C GLU A 293 11.29 -7.24 14.36
N ASN A 294 12.42 -7.37 13.64
CA ASN A 294 13.76 -7.08 14.26
C ASN A 294 13.91 -5.56 14.52
N ASP A 295 13.07 -4.73 13.90
CA ASP A 295 13.19 -3.25 13.90
C ASP A 295 11.94 -2.66 14.58
N LYS A 296 10.77 -2.85 13.97
CA LYS A 296 9.41 -2.45 14.43
C LYS A 296 9.27 -0.92 14.51
N THR A 297 10.16 -0.18 13.85
CA THR A 297 10.11 1.31 13.82
C THR A 297 9.66 1.79 12.45
N ILE A 298 9.16 3.02 12.44
CA ILE A 298 8.82 3.84 11.26
C ILE A 298 9.86 4.95 11.20
N LYS A 299 10.39 5.23 10.02
CA LYS A 299 11.34 6.37 9.87
C LYS A 299 10.72 7.39 8.92
N LEU A 300 10.92 8.66 9.24
CA LEU A 300 10.51 9.81 8.39
C LEU A 300 11.79 10.42 7.83
N TRP A 301 11.88 10.49 6.50
CA TRP A 301 13.04 11.06 5.77
C TRP A 301 12.59 12.30 4.99
N LYS A 302 13.43 13.33 4.92
CA LYS A 302 13.08 14.57 4.18
C LYS A 302 14.20 14.95 3.21
N SER A 303 13.81 15.49 2.06
CA SER A 303 14.69 15.85 0.93
C SER A 303 14.39 17.28 0.49
N ASP A 304 15.40 18.00 0.02
CA ASP A 304 15.24 19.35 -0.61
C ASP A 304 14.73 19.21 -2.05
N CYS A 305 14.80 18.02 -2.66
CA CYS A 305 14.58 17.78 -4.11
C CYS A 305 13.64 16.60 -4.33
CB OJM B . -0.36 -5.05 1.92
CA OJM B . 0.64 -5.04 0.95
C8 OJM B . 1.53 -5.67 2.93
C4 OJM B . 3.17 -7.70 5.68
C1 OJM B . 3.85 -7.81 9.19
C OJM B . 0.64 -4.73 -0.51
C7 OJM B . 2.52 -6.10 3.95
C6 OJM B . 2.01 -7.03 5.00
C2 OJM B . 4.04 -8.15 7.73
N9 OJM B . 0.24 -5.43 3.11
N OJM B . 1.78 -5.44 1.64
O5 OJM B . 3.87 -8.59 5.22
O OJM B . -0.67 -4.58 -1.06
O3 OJM B . 3.34 -7.18 6.92
S SO4 C . 1.94 6.84 -1.52
O1 SO4 C . 0.64 7.50 -1.65
O2 SO4 C . 2.22 6.69 -0.12
O3 SO4 C . 1.85 5.56 -2.19
O4 SO4 C . 2.95 7.61 -2.13
S SO4 D . -9.40 15.82 16.20
O1 SO4 D . -9.70 14.44 16.49
O2 SO4 D . -10.17 16.68 17.06
O3 SO4 D . -9.73 16.10 14.81
O4 SO4 D . -7.99 16.06 16.41
C1 EDO E . 12.99 -1.50 -20.05
O1 EDO E . 13.79 -1.39 -18.90
C2 EDO E . 12.03 -2.62 -20.01
O2 EDO E . 10.85 -2.33 -19.28
#